data_1SY8
#
_entry.id   1SY8
#
_entity_poly.entity_id   1
_entity_poly.type   'polydeoxyribonucleotide'
_entity_poly.pdbx_seq_one_letter_code
;(DT)(DG)(DA)(DT)(DC)(DA)
;
_entity_poly.pdbx_strand_id   A,B
#